data_2EVF
#
_entry.id   2EVF
#
_cell.length_a   70.193
_cell.length_b   78.754
_cell.length_c   161.536
_cell.angle_alpha   90.00
_cell.angle_beta   90.00
_cell.angle_gamma   90.00
#
_symmetry.space_group_name_H-M   'C 2 2 21'
#
loop_
_entity.id
_entity.type
_entity.pdbx_description
1 polymer "5'-D(*TP*GP*CP*GP*AP*CP*AP*CP*TP*AP*AP*AP*AP*C)-3'"
2 polymer "5'-D(*AP*GP*TP*TP*TP*TP*AP*GP*TP*GP*TP*CP*GP*C)-3'"
3 polymer 'NDT80 protein'
4 water water
#
loop_
_entity_poly.entity_id
_entity_poly.type
_entity_poly.pdbx_seq_one_letter_code
_entity_poly.pdbx_strand_id
1 'polydeoxyribonucleotide' (DT)(DG)(DC)(DG)(DA)(DC)(DA)(DC)(DT)(DA)(DA)(DA)(DA)(DC) B
2 'polydeoxyribonucleotide' (DA)(DG)(DT)(DT)(DT)(DT)(DA)(DG)(DT)(DG)(DT)(DC)(DG)(DC) C
3 'polypeptide(L)'
;GPLGSMNEMENTDPVLQDDLVSKYERELSTEQEEDTPVILTQLNEDGTTSNYFDKRKLKIAPRSTLQFKVGPPFELVRDY
CPVVESHTGRTLDLRIIPRIDRGFDHIDEEWVGYKRNYFTLVSTFETANCDLDTFLKSSFDLLVEDSSVEGRLRVQYFAI
KIKAKNDDDDTEINLVQHTAKRDKGPQFCPSVCPLVPSPLPKHQTIREASNVRNITKMKKYDSTFYLHRDHVNYEEYGVD
SLLFSYPEDSIQKVARYERVQFASSISVKKPSQQNKHFSLHVILGAVVDPDTFHGENPGIPYDELALKNGSKGMFVYLQE
MKTPPLIIRGRSPSNYASSQRITVR
;
A
#
loop_
_chem_comp.id
_chem_comp.type
_chem_comp.name
_chem_comp.formula
DA DNA linking 2'-DEOXYADENOSINE-5'-MONOPHOSPHATE 'C10 H14 N5 O6 P'
DC DNA linking 2'-DEOXYCYTIDINE-5'-MONOPHOSPHATE 'C9 H14 N3 O7 P'
DG DNA linking 2'-DEOXYGUANOSINE-5'-MONOPHOSPHATE 'C10 H14 N5 O7 P'
DT DNA linking THYMIDINE-5'-MONOPHOSPHATE 'C10 H15 N2 O8 P'
#
# COMPACT_ATOMS: atom_id res chain seq x y z
N VAL C 38 15.26 26.30 4.75
CA VAL C 38 15.22 25.70 3.37
C VAL C 38 14.92 24.20 3.43
N ILE C 39 15.55 23.51 4.37
CA ILE C 39 15.25 22.10 4.65
C ILE C 39 14.79 22.00 6.07
N LEU C 40 13.61 21.42 6.27
CA LEU C 40 13.04 21.22 7.59
C LEU C 40 13.06 19.74 7.91
N THR C 41 13.61 19.41 9.06
CA THR C 41 13.92 18.03 9.39
C THR C 41 13.08 17.53 10.58
N GLN C 42 12.47 16.36 10.39
CA GLN C 42 11.77 15.60 11.42
C GLN C 42 12.45 14.24 11.62
N LEU C 43 12.55 13.81 12.87
CA LEU C 43 13.10 12.51 13.20
C LEU C 43 12.00 11.44 13.02
N ASN C 44 12.31 10.40 12.25
CA ASN C 44 11.39 9.28 12.05
C ASN C 44 11.45 8.32 13.21
N GLU C 45 10.57 7.34 13.21
CA GLU C 45 10.46 6.40 14.33
C GLU C 45 11.73 5.58 14.53
N ASP C 46 12.43 5.27 13.45
CA ASP C 46 13.60 4.42 13.47
C ASP C 46 14.93 5.19 13.55
N GLY C 47 14.85 6.51 13.70
CA GLY C 47 16.05 7.32 13.85
C GLY C 47 16.62 7.87 12.56
N THR C 48 15.98 7.56 11.44
CA THR C 48 16.30 8.26 10.20
C THR C 48 15.61 9.61 10.25
N THR C 49 15.93 10.47 9.29
CA THR C 49 15.29 11.76 9.16
C THR C 49 14.45 11.83 7.91
N SER C 50 13.41 12.63 8.00
CA SER C 50 12.64 13.10 6.88
C SER C 50 13.00 14.55 6.74
N ASN C 51 13.40 14.94 5.53
CA ASN C 51 13.89 16.25 5.20
C ASN C 51 13.00 16.90 4.16
N TYR C 52 12.16 17.79 4.63
CA TYR C 52 11.15 18.40 3.77
C TYR C 52 11.70 19.63 3.13
N PHE C 53 11.63 19.68 1.81
CA PHE C 53 12.07 20.85 1.07
C PHE C 53 11.16 21.09 -0.12
N ASP C 54 11.13 22.34 -0.56
CA ASP C 54 10.23 22.79 -1.58
C ASP C 54 11.00 22.79 -2.90
N LYS C 55 10.59 21.94 -3.85
CA LYS C 55 11.30 21.83 -5.12
C LYS C 55 11.17 23.07 -6.00
N ARG C 56 10.29 24.00 -5.63
CA ARG C 56 10.20 25.31 -6.29
C ARG C 56 11.43 26.14 -5.98
N LYS C 57 12.10 25.80 -4.88
CA LYS C 57 13.19 26.60 -4.33
C LYS C 57 14.54 25.89 -4.27
N LEU C 58 14.54 24.56 -4.14
CA LEU C 58 15.76 23.79 -3.95
C LEU C 58 15.69 22.52 -4.79
N LYS C 59 16.66 22.36 -5.69
CA LYS C 59 16.81 21.13 -6.44
C LYS C 59 17.89 20.26 -5.80
N ILE C 60 17.49 19.03 -5.51
CA ILE C 60 18.33 17.99 -4.95
C ILE C 60 18.42 16.85 -5.97
N ALA C 61 19.57 16.17 -5.99
CA ALA C 61 19.83 15.09 -6.93
C ALA C 61 18.77 14.01 -6.85
N PRO C 62 18.50 13.32 -7.96
CA PRO C 62 17.46 12.29 -7.98
C PRO C 62 17.62 11.14 -6.99
N ARG C 63 18.86 10.75 -6.69
CA ARG C 63 19.13 9.58 -5.87
C ARG C 63 19.64 9.99 -4.51
N SER C 64 19.59 11.28 -4.21
CA SER C 64 19.92 11.70 -2.86
C SER C 64 18.98 11.07 -1.85
N THR C 65 19.52 10.68 -0.69
CA THR C 65 18.69 10.15 0.39
C THR C 65 17.68 11.17 0.87
N LEU C 66 17.92 12.45 0.58
CA LEU C 66 16.95 13.51 0.91
C LEU C 66 15.62 13.36 0.18
N GLN C 67 15.56 12.53 -0.87
CA GLN C 67 14.30 12.27 -1.59
C GLN C 67 13.43 11.27 -0.83
N PHE C 68 14.03 10.49 0.07
CA PHE C 68 13.29 9.55 0.91
C PHE C 68 12.81 10.27 2.17
N LYS C 69 11.52 10.20 2.43
CA LYS C 69 10.96 10.85 3.59
C LYS C 69 9.59 10.27 3.86
N VAL C 70 9.20 10.29 5.13
CA VAL C 70 7.90 9.80 5.55
C VAL C 70 6.84 10.84 5.14
N GLY C 71 5.76 10.35 4.54
CA GLY C 71 4.67 11.18 4.06
C GLY C 71 3.62 11.39 5.13
N PRO C 72 2.43 11.80 4.72
CA PRO C 72 1.38 12.07 5.69
C PRO C 72 0.90 10.82 6.43
N PRO C 73 0.49 10.96 7.68
CA PRO C 73 -0.06 9.82 8.41
C PRO C 73 -1.44 9.46 7.92
N PHE C 74 -1.76 8.17 7.90
CA PHE C 74 -3.05 7.72 7.47
C PHE C 74 -4.01 7.70 8.64
N GLU C 75 -5.29 7.79 8.31
CA GLU C 75 -6.39 7.77 9.26
C GLU C 75 -7.44 6.76 8.82
N LEU C 76 -8.14 6.21 9.79
CA LEU C 76 -9.23 5.29 9.50
C LEU C 76 -10.36 6.00 8.76
N VAL C 77 -10.82 5.38 7.68
CA VAL C 77 -12.06 5.78 7.02
C VAL C 77 -13.20 5.01 7.67
N ARG C 78 -13.18 3.68 7.55
CA ARG C 78 -14.12 2.85 8.29
C ARG C 78 -13.75 1.39 8.24
N ASP C 79 -14.43 0.64 9.09
CA ASP C 79 -14.42 -0.80 9.06
C ASP C 79 -15.67 -1.25 8.34
N TYR C 80 -15.57 -2.40 7.70
CA TYR C 80 -16.61 -2.90 6.82
C TYR C 80 -17.03 -4.29 7.34
N CYS C 81 -16.72 -5.35 6.62
CA CYS C 81 -17.27 -6.67 6.95
C CYS C 81 -16.51 -7.34 8.08
N PRO C 82 -17.21 -7.80 9.13
CA PRO C 82 -16.55 -8.57 10.19
C PRO C 82 -16.07 -9.93 9.68
N VAL C 83 -14.97 -10.39 10.27
CA VAL C 83 -14.38 -11.69 9.96
C VAL C 83 -14.29 -12.50 11.24
N VAL C 84 -14.70 -13.76 11.18
CA VAL C 84 -14.65 -14.64 12.35
C VAL C 84 -13.91 -15.94 12.06
N GLU C 85 -13.30 -16.51 13.09
CA GLU C 85 -12.62 -17.80 12.98
C GLU C 85 -13.69 -18.88 12.94
N SER C 86 -13.52 -19.87 12.05
CA SER C 86 -14.61 -20.79 11.67
C SER C 86 -15.18 -21.75 12.73
N HIS C 87 -14.47 -22.03 13.83
CA HIS C 87 -15.05 -22.86 14.91
C HIS C 87 -15.33 -22.10 16.18
N THR C 88 -14.35 -21.31 16.61
CA THR C 88 -14.47 -20.56 17.86
C THR C 88 -15.50 -19.44 17.72
N GLY C 89 -15.64 -18.92 16.50
CA GLY C 89 -16.53 -17.80 16.23
C GLY C 89 -15.91 -16.47 16.62
N ARG C 90 -14.65 -16.48 17.05
CA ARG C 90 -13.99 -15.29 17.55
C ARG C 90 -13.81 -14.29 16.42
N THR C 91 -14.10 -13.03 16.69
CA THR C 91 -13.93 -11.99 15.70
C THR C 91 -12.45 -11.67 15.56
N LEU C 92 -12.00 -11.57 14.32
CA LEU C 92 -10.62 -11.23 14.02
C LEU C 92 -10.47 -9.69 14.01
N ASP C 93 -9.62 -9.16 14.90
CA ASP C 93 -9.29 -7.77 15.05
CA ASP C 93 -9.45 -7.68 14.96
C ASP C 93 -8.33 -7.54 13.87
C ASP C 93 -8.29 -7.11 14.14
N LEU C 94 -8.55 -6.47 13.11
N LEU C 94 -8.63 -6.51 13.02
CA LEU C 94 -7.69 -6.16 11.98
C LEU C 94 -7.28 -4.70 12.03
N ARG C 95 -6.07 -4.44 11.58
CA ARG C 95 -5.57 -3.07 11.48
C ARG C 95 -4.60 -2.97 10.32
N ILE C 96 -4.89 -2.06 9.40
CA ILE C 96 -3.95 -1.67 8.36
C ILE C 96 -2.82 -0.87 8.98
N ILE C 97 -1.58 -1.13 8.54
CA ILE C 97 -0.40 -0.39 8.99
C ILE C 97 0.36 0.15 7.77
N PRO C 98 -0.01 1.34 7.32
CA PRO C 98 0.52 1.93 6.09
C PRO C 98 1.49 3.07 6.34
N ARG C 99 2.30 3.36 5.32
CA ARG C 99 3.19 4.52 5.37
C ARG C 99 3.62 4.90 3.97
N ILE C 100 3.83 6.19 3.75
CA ILE C 100 4.43 6.71 2.53
C ILE C 100 5.90 7.00 2.83
N ASP C 101 6.80 6.50 1.98
CA ASP C 101 8.24 6.60 2.21
C ASP C 101 9.00 7.45 1.19
N ARG C 102 8.27 8.01 0.23
CA ARG C 102 8.86 8.83 -0.83
C ARG C 102 7.76 9.59 -1.51
N GLY C 103 8.04 10.81 -1.95
CA GLY C 103 7.16 11.51 -2.86
C GLY C 103 6.39 12.68 -2.31
N PHE C 104 6.33 12.83 -0.99
CA PHE C 104 5.52 13.86 -0.36
C PHE C 104 6.26 14.66 0.70
N ASP C 105 6.18 15.98 0.60
CA ASP C 105 6.82 16.88 1.56
C ASP C 105 5.77 17.63 2.33
N HIS C 106 6.07 17.90 3.59
CA HIS C 106 5.23 18.70 4.44
C HIS C 106 5.74 20.15 4.31
N ILE C 107 5.02 20.98 3.56
CA ILE C 107 5.43 22.35 3.28
C ILE C 107 4.29 23.28 3.67
N ASP C 108 4.54 24.18 4.63
CA ASP C 108 3.54 25.17 5.05
C ASP C 108 2.19 24.52 5.39
N GLU C 109 2.22 23.46 6.19
CA GLU C 109 1.02 22.75 6.67
C GLU C 109 0.23 22.05 5.55
N GLU C 110 0.84 21.89 4.38
CA GLU C 110 0.24 21.10 3.31
C GLU C 110 1.15 19.92 3.03
N TRP C 111 0.60 18.85 2.50
CA TRP C 111 1.39 17.72 2.04
C TRP C 111 1.41 17.79 0.52
N VAL C 112 2.61 17.88 -0.05
CA VAL C 112 2.80 18.24 -1.43
C VAL C 112 3.58 17.18 -2.18
N GLY C 113 3.03 16.69 -3.28
CA GLY C 113 3.70 15.79 -4.19
C GLY C 113 3.86 16.42 -5.55
N TYR C 114 4.61 15.76 -6.43
CA TYR C 114 4.88 16.25 -7.78
C TYR C 114 4.40 15.24 -8.79
N LYS C 115 3.56 15.69 -9.73
CA LYS C 115 3.05 14.82 -10.76
C LYS C 115 4.11 13.96 -11.46
N ARG C 116 5.26 14.56 -11.80
CA ARG C 116 6.31 13.89 -12.56
C ARG C 116 7.17 12.90 -11.76
N ASN C 117 6.97 12.83 -10.44
CA ASN C 117 7.91 12.10 -9.60
C ASN C 117 7.27 10.93 -8.90
N TYR C 118 8.10 9.99 -8.51
CA TYR C 118 7.63 8.77 -7.87
C TYR C 118 7.23 8.99 -6.42
N PHE C 119 6.21 8.28 -6.00
CA PHE C 119 5.97 8.06 -4.60
C PHE C 119 6.01 6.57 -4.26
N THR C 120 6.26 6.28 -2.99
CA THR C 120 6.24 4.93 -2.45
C THR C 120 5.21 4.86 -1.34
N LEU C 121 4.35 3.86 -1.42
CA LEU C 121 3.33 3.60 -0.40
C LEU C 121 3.49 2.14 0.00
N VAL C 122 3.77 1.87 1.26
CA VAL C 122 3.90 0.50 1.77
C VAL C 122 2.82 0.23 2.80
N SER C 123 2.42 -1.02 2.93
CA SER C 123 1.47 -1.35 3.96
C SER C 123 1.56 -2.81 4.36
N THR C 124 1.30 -3.08 5.62
CA THR C 124 0.99 -4.40 6.08
C THR C 124 -0.37 -4.36 6.74
N PHE C 125 -0.78 -5.48 7.30
CA PHE C 125 -1.87 -5.48 8.28
C PHE C 125 -1.51 -6.37 9.44
N GLU C 126 -2.16 -6.13 10.56
CA GLU C 126 -1.98 -6.97 11.74
C GLU C 126 -3.30 -7.44 12.31
N THR C 127 -3.20 -8.56 13.01
CA THR C 127 -4.32 -9.20 13.67
C THR C 127 -3.94 -9.26 15.13
N ALA C 128 -4.46 -8.32 15.90
CA ALA C 128 -4.05 -8.11 17.29
C ALA C 128 -4.26 -9.33 18.17
N ASN C 129 -5.30 -10.10 17.85
CA ASN C 129 -5.71 -11.23 18.67
C ASN C 129 -5.32 -12.61 18.11
N CYS C 130 -4.46 -12.66 17.10
CA CYS C 130 -4.07 -13.92 16.45
C CYS C 130 -2.61 -13.88 16.02
N ASP C 131 -1.78 -14.79 16.52
CA ASP C 131 -0.37 -14.81 16.10
C ASP C 131 -0.31 -15.48 14.73
N LEU C 132 0.70 -15.11 13.96
CA LEU C 132 0.76 -15.54 12.55
C LEU C 132 0.70 -17.03 12.38
N ASP C 133 1.48 -17.73 13.17
CA ASP C 133 1.55 -19.18 12.99
C ASP C 133 0.16 -19.85 13.15
N THR C 134 -0.60 -19.42 14.14
CA THR C 134 -1.96 -19.91 14.36
C THR C 134 -2.94 -19.49 13.26
N PHE C 135 -2.89 -18.21 12.93
CA PHE C 135 -3.68 -17.62 11.84
C PHE C 135 -3.59 -18.45 10.56
N LEU C 136 -2.38 -18.83 10.17
CA LEU C 136 -2.18 -19.52 8.90
C LEU C 136 -2.77 -20.93 8.90
N LYS C 137 -2.89 -21.56 10.07
CA LYS C 137 -3.47 -22.89 10.20
C LYS C 137 -4.98 -22.92 10.33
N SER C 138 -5.55 -21.75 10.64
CA SER C 138 -6.98 -21.58 10.90
C SER C 138 -7.74 -21.34 9.62
N SER C 139 -9.05 -21.17 9.73
CA SER C 139 -9.88 -20.75 8.60
C SER C 139 -10.84 -19.71 9.11
N PHE C 140 -11.26 -18.84 8.21
CA PHE C 140 -12.01 -17.63 8.56
C PHE C 140 -13.18 -17.41 7.62
N ASP C 141 -14.28 -16.89 8.17
CA ASP C 141 -15.49 -16.60 7.43
C ASP C 141 -15.83 -15.14 7.57
N LEU C 142 -16.46 -14.60 6.55
CA LEU C 142 -17.08 -13.29 6.61
C LEU C 142 -18.45 -13.46 7.24
N LEU C 143 -18.78 -12.56 8.16
CA LEU C 143 -20.13 -12.48 8.70
C LEU C 143 -20.94 -11.48 7.88
N VAL C 144 -21.79 -11.97 6.98
CA VAL C 144 -22.64 -11.11 6.17
C VAL C 144 -24.11 -11.48 6.33
N GLY C 151 -25.10 -16.88 6.90
CA GLY C 151 -24.59 -16.01 5.84
C GLY C 151 -23.08 -15.86 5.89
N ARG C 152 -22.37 -17.00 5.97
CA ARG C 152 -20.91 -17.02 6.08
C ARG C 152 -20.24 -17.37 4.74
N LEU C 153 -19.39 -16.46 4.24
CA LEU C 153 -18.58 -16.73 3.07
C LEU C 153 -17.18 -17.06 3.55
N ARG C 154 -16.56 -18.10 3.02
CA ARG C 154 -15.21 -18.49 3.46
C ARG C 154 -14.18 -17.59 2.83
N VAL C 155 -13.28 -17.08 3.66
CA VAL C 155 -12.17 -16.27 3.18
C VAL C 155 -11.12 -17.15 2.54
N GLN C 156 -10.77 -16.86 1.28
CA GLN C 156 -9.67 -17.55 0.62
C GLN C 156 -8.33 -16.98 1.04
N TYR C 157 -8.26 -15.66 1.05
CA TYR C 157 -7.05 -14.98 1.44
C TYR C 157 -7.34 -13.51 1.68
N PHE C 158 -6.42 -12.87 2.38
CA PHE C 158 -6.47 -11.43 2.63
C PHE C 158 -5.57 -10.70 1.66
N ALA C 159 -5.92 -9.46 1.32
CA ALA C 159 -5.19 -8.69 0.33
C ALA C 159 -5.38 -7.19 0.53
N ILE C 160 -4.44 -6.42 0.01
CA ILE C 160 -4.54 -4.97 0.01
C ILE C 160 -4.63 -4.44 -1.41
N LYS C 161 -5.37 -3.33 -1.56
CA LYS C 161 -5.28 -2.54 -2.77
C LYS C 161 -5.17 -1.08 -2.36
N ILE C 162 -4.66 -0.27 -3.27
CA ILE C 162 -4.59 1.16 -3.07
C ILE C 162 -5.39 1.87 -4.15
N LYS C 163 -5.84 3.06 -3.79
CA LYS C 163 -6.57 3.92 -4.73
C LYS C 163 -6.19 5.36 -4.46
N ALA C 164 -6.35 6.19 -5.48
CA ALA C 164 -6.30 7.64 -5.32
C ALA C 164 -7.69 8.21 -5.55
N LYS C 165 -8.02 9.25 -4.80
CA LYS C 165 -9.29 9.92 -4.95
C LYS C 165 -9.11 11.41 -4.90
N ASN C 166 -10.05 12.10 -5.54
CA ASN C 166 -10.29 13.51 -5.27
C ASN C 166 -10.97 13.57 -3.91
N ASP C 167 -10.29 14.17 -2.93
CA ASP C 167 -10.77 14.18 -1.56
C ASP C 167 -12.00 15.05 -1.33
N ASP C 168 -12.29 15.94 -2.26
CA ASP C 168 -13.45 16.83 -2.11
C ASP C 168 -14.76 16.20 -2.63
N ASP C 169 -14.68 15.35 -3.64
CA ASP C 169 -15.88 14.72 -4.21
C ASP C 169 -15.90 13.20 -4.35
N ASP C 170 -14.83 12.53 -3.92
CA ASP C 170 -14.73 11.06 -3.92
C ASP C 170 -14.56 10.42 -5.30
N THR C 171 -14.30 11.23 -6.32
CA THR C 171 -14.02 10.69 -7.65
C THR C 171 -12.69 9.94 -7.62
N GLU C 172 -12.63 8.76 -8.23
CA GLU C 172 -11.37 8.01 -8.28
C GLU C 172 -10.46 8.56 -9.37
N ILE C 173 -9.16 8.57 -9.07
CA ILE C 173 -8.11 9.08 -9.91
C ILE C 173 -7.16 7.92 -10.21
N ASN C 174 -6.82 7.71 -11.47
CA ASN C 174 -5.97 6.57 -11.83
C ASN C 174 -4.53 6.78 -11.34
N LEU C 175 -3.96 5.66 -10.88
CA LEU C 175 -2.55 5.58 -10.51
C LEU C 175 -1.84 4.73 -11.55
N VAL C 176 -0.56 5.01 -11.73
CA VAL C 176 0.28 4.24 -12.62
C VAL C 176 1.59 3.91 -11.89
N GLN C 177 2.19 2.80 -12.28
CA GLN C 177 3.51 2.42 -11.78
C GLN C 177 4.43 2.11 -12.93
N HIS C 178 5.71 2.30 -12.69
CA HIS C 178 6.74 1.86 -13.61
C HIS C 178 7.63 0.84 -12.93
N THR C 179 8.41 0.13 -13.73
CA THR C 179 9.56 -0.61 -13.22
C THR C 179 10.74 0.36 -13.14
N ALA C 180 11.85 -0.10 -12.58
CA ALA C 180 13.05 0.72 -12.49
C ALA C 180 13.52 1.21 -13.86
N LYS C 181 13.22 0.43 -14.90
CA LYS C 181 13.60 0.79 -16.26
C LYS C 181 12.77 1.95 -16.84
N ARG C 182 11.68 2.29 -16.15
CA ARG C 182 10.83 3.44 -16.48
C ARG C 182 10.34 3.35 -17.93
N ASP C 183 10.78 4.25 -18.80
CA ASP C 183 10.31 4.26 -20.20
C ASP C 183 10.80 3.07 -21.02
N LYS C 184 11.84 2.38 -20.54
CA LYS C 184 12.35 1.19 -21.22
C LYS C 184 11.74 -0.10 -20.66
N GLY C 185 10.72 0.05 -19.83
CA GLY C 185 9.93 -1.08 -19.36
C GLY C 185 8.45 -0.76 -19.42
N PRO C 186 7.62 -1.67 -18.93
CA PRO C 186 6.18 -1.49 -18.97
C PRO C 186 5.65 -0.53 -17.91
N GLN C 187 4.46 0.01 -18.18
CA GLN C 187 3.65 0.74 -17.21
C GLN C 187 2.51 -0.16 -16.83
N PHE C 188 2.04 -0.01 -15.59
CA PHE C 188 1.00 -0.86 -15.07
C PHE C 188 0.24 -0.16 -13.93
N CYS C 189 -0.96 -0.62 -13.65
CA CYS C 189 -1.77 -0.02 -12.59
C CYS C 189 -1.45 -0.82 -11.33
N PRO C 190 -1.48 -0.18 -10.16
CA PRO C 190 -1.31 -0.94 -8.92
C PRO C 190 -2.24 -2.14 -8.88
N SER C 191 -1.69 -3.25 -8.42
CA SER C 191 -2.45 -4.49 -8.33
C SER C 191 -2.86 -4.81 -6.90
N VAL C 192 -3.82 -5.71 -6.79
CA VAL C 192 -4.23 -6.24 -5.51
C VAL C 192 -3.12 -7.18 -5.04
N CYS C 193 -2.73 -7.03 -3.77
CA CYS C 193 -1.58 -7.75 -3.23
C CYS C 193 -2.04 -8.68 -2.12
N PRO C 194 -2.06 -9.99 -2.36
CA PRO C 194 -2.29 -10.93 -1.26
C PRO C 194 -1.22 -10.74 -0.21
N LEU C 195 -1.61 -10.77 1.05
CA LEU C 195 -0.66 -10.57 2.14
C LEU C 195 -1.06 -11.38 3.34
N VAL C 196 -0.05 -11.75 4.14
CA VAL C 196 -0.25 -12.27 5.50
C VAL C 196 0.18 -11.21 6.50
N PRO C 197 -0.37 -11.25 7.71
CA PRO C 197 -0.06 -10.22 8.73
C PRO C 197 1.41 -10.14 9.08
N SER C 198 1.90 -8.93 9.21
CA SER C 198 3.29 -8.66 9.48
C SER C 198 3.44 -7.28 10.07
N PRO C 199 4.45 -7.04 10.88
CA PRO C 199 4.81 -5.68 11.22
C PRO C 199 5.32 -4.95 9.98
N LEU C 200 5.12 -3.65 9.95
CA LEU C 200 5.58 -2.82 8.86
C LEU C 200 7.07 -2.55 9.04
N PRO C 201 7.88 -2.82 8.01
CA PRO C 201 9.30 -2.49 8.12
C PRO C 201 9.55 -1.02 8.36
N LYS C 202 10.64 -0.74 9.08
CA LYS C 202 11.10 0.63 9.30
C LYS C 202 11.37 1.36 7.97
N HIS C 203 11.28 2.68 8.02
CA HIS C 203 11.58 3.52 6.87
C HIS C 203 12.95 3.18 6.28
N GLN C 204 13.95 2.98 7.13
CA GLN C 204 15.30 2.65 6.62
C GLN C 204 15.33 1.35 5.81
N THR C 205 14.53 0.37 6.21
CA THR C 205 14.51 -0.92 5.55
C THR C 205 13.90 -0.79 4.16
N ILE C 206 12.81 -0.04 4.05
CA ILE C 206 12.21 0.24 2.75
C ILE C 206 13.22 0.95 1.84
N ARG C 207 13.91 1.94 2.38
CA ARG C 207 14.98 2.62 1.63
C ARG C 207 15.99 1.64 1.08
N GLU C 208 16.49 0.78 1.95
CA GLU C 208 17.59 -0.11 1.60
C GLU C 208 17.21 -1.15 0.57
N ALA C 209 15.94 -1.52 0.55
CA ALA C 209 15.46 -2.58 -0.32
C ALA C 209 14.92 -2.01 -1.64
N SER C 210 14.99 -0.70 -1.83
CA SER C 210 14.31 -0.06 -2.96
C SER C 210 14.86 -0.40 -4.34
N ASN C 211 16.15 -0.72 -4.43
CA ASN C 211 16.78 -1.02 -5.71
C ASN C 211 17.80 -2.13 -5.56
N VAL C 212 17.39 -3.22 -4.91
CA VAL C 212 18.24 -4.39 -4.75
C VAL C 212 18.03 -5.36 -5.91
N ARG C 213 19.12 -5.75 -6.54
CA ARG C 213 19.14 -6.84 -7.52
C ARG C 213 20.12 -7.96 -7.14
N ASN C 214 21.21 -7.59 -6.47
CA ASN C 214 22.25 -8.53 -6.04
C ASN C 214 21.67 -9.67 -5.21
N ILE C 215 21.93 -10.91 -5.63
CA ILE C 215 21.30 -12.08 -5.02
C ILE C 215 21.56 -12.22 -3.51
N THR C 216 22.78 -11.94 -3.09
CA THR C 216 23.12 -12.06 -1.67
C THR C 216 22.32 -11.09 -0.82
N LYS C 217 22.18 -9.85 -1.29
CA LYS C 217 21.41 -8.83 -0.59
C LYS C 217 19.92 -9.16 -0.64
N MET C 218 19.44 -9.69 -1.77
CA MET C 218 18.05 -10.12 -1.85
C MET C 218 17.73 -11.14 -0.78
N LYS C 219 18.67 -12.06 -0.52
CA LYS C 219 18.46 -13.11 0.46
C LYS C 219 18.35 -12.52 1.86
N LYS C 220 19.10 -11.46 2.11
CA LYS C 220 19.07 -10.74 3.38
C LYS C 220 17.68 -10.20 3.71
N TYR C 221 16.96 -9.75 2.68
CA TYR C 221 15.66 -9.12 2.88
C TYR C 221 14.48 -10.07 2.67
N ASP C 222 14.75 -11.29 2.21
CA ASP C 222 13.69 -12.19 1.78
C ASP C 222 12.68 -12.47 2.88
N SER C 223 13.16 -12.71 4.08
CA SER C 223 12.28 -13.06 5.20
C SER C 223 11.44 -11.88 5.65
N THR C 224 11.90 -10.67 5.35
CA THR C 224 11.12 -9.48 5.69
C THR C 224 9.92 -9.32 4.78
N PHE C 225 10.08 -9.64 3.52
CA PHE C 225 9.08 -9.34 2.49
C PHE C 225 8.22 -10.49 2.01
N TYR C 226 8.66 -11.73 2.26
CA TYR C 226 7.97 -12.90 1.70
C TYR C 226 7.86 -14.05 2.67
N LEU C 227 6.77 -14.79 2.49
CA LEU C 227 6.57 -16.11 3.06
C LEU C 227 6.51 -17.07 1.88
N HIS C 228 7.41 -18.05 1.85
CA HIS C 228 7.40 -19.06 0.81
C HIS C 228 6.69 -20.31 1.33
N ARG C 229 5.44 -20.45 0.91
CA ARG C 229 4.58 -21.53 1.38
C ARG C 229 5.17 -22.87 1.00
N ASP C 230 5.87 -22.93 -0.13
CA ASP C 230 6.48 -24.17 -0.58
C ASP C 230 7.59 -24.68 0.35
N HIS C 231 8.01 -23.88 1.31
CA HIS C 231 9.03 -24.30 2.27
C HIS C 231 8.51 -24.69 3.65
N VAL C 232 7.19 -24.62 3.87
CA VAL C 232 6.63 -25.07 5.14
C VAL C 232 6.46 -26.59 5.10
N ASN C 233 6.30 -27.17 6.29
CA ASN C 233 5.97 -28.58 6.42
C ASN C 233 4.49 -28.76 6.17
N TYR C 234 4.13 -29.27 4.99
CA TYR C 234 2.73 -29.41 4.59
C TYR C 234 1.94 -30.30 5.55
N GLU C 235 2.60 -31.23 6.21
CA GLU C 235 1.90 -32.13 7.13
C GLU C 235 1.33 -31.44 8.35
N GLU C 236 1.84 -30.25 8.65
CA GLU C 236 1.33 -29.46 9.78
C GLU C 236 0.00 -28.75 9.49
N TYR C 237 -0.48 -28.82 8.24
CA TYR C 237 -1.61 -28.02 7.80
C TYR C 237 -2.76 -28.85 7.29
N GLY C 238 -3.96 -28.41 7.64
CA GLY C 238 -5.16 -29.03 7.05
C GLY C 238 -5.43 -28.47 5.68
N VAL C 239 -6.14 -29.27 4.87
CA VAL C 239 -6.52 -28.88 3.53
C VAL C 239 -7.27 -27.55 3.49
N ASP C 240 -8.04 -27.30 4.53
CA ASP C 240 -8.89 -26.11 4.67
C ASP C 240 -8.16 -24.88 5.19
N SER C 241 -6.89 -25.03 5.54
CA SER C 241 -6.17 -23.93 6.20
C SER C 241 -6.01 -22.71 5.32
N LEU C 242 -6.03 -21.55 5.96
CA LEU C 242 -5.93 -20.30 5.24
C LEU C 242 -4.68 -20.25 4.37
N LEU C 243 -3.56 -20.71 4.90
CA LEU C 243 -2.31 -20.65 4.12
C LEU C 243 -2.46 -21.29 2.76
N PHE C 244 -3.17 -22.41 2.69
CA PHE C 244 -3.28 -23.15 1.44
C PHE C 244 -4.40 -22.71 0.50
N SER C 245 -5.12 -21.65 0.85
CA SER C 245 -6.05 -21.01 -0.07
C SER C 245 -5.50 -19.68 -0.66
N TYR C 246 -4.29 -19.29 -0.28
CA TYR C 246 -3.57 -18.20 -0.96
C TYR C 246 -3.30 -18.65 -2.38
N PRO C 247 -3.31 -17.72 -3.33
CA PRO C 247 -3.25 -18.08 -4.76
C PRO C 247 -1.89 -18.57 -5.28
N GLU C 248 -0.80 -18.12 -4.68
CA GLU C 248 0.55 -18.52 -5.07
C GLU C 248 1.40 -18.89 -3.88
N ASP C 249 2.45 -19.67 -4.14
CA ASP C 249 3.36 -20.09 -3.07
C ASP C 249 4.12 -18.92 -2.45
N SER C 250 4.51 -17.92 -3.26
CA SER C 250 5.24 -16.78 -2.76
C SER C 250 4.23 -15.75 -2.32
N ILE C 251 4.15 -15.54 -1.00
CA ILE C 251 3.15 -14.66 -0.40
C ILE C 251 3.85 -13.48 0.21
N GLN C 252 3.46 -12.29 -0.19
CA GLN C 252 4.06 -11.08 0.37
C GLN C 252 3.61 -10.87 1.81
N LYS C 253 4.55 -10.40 2.64
CA LYS C 253 4.30 -9.93 3.99
C LYS C 253 4.08 -8.43 4.01
N VAL C 254 4.54 -7.74 2.98
CA VAL C 254 4.43 -6.30 2.86
C VAL C 254 3.97 -5.96 1.46
N ALA C 255 2.94 -5.13 1.35
CA ALA C 255 2.52 -4.54 0.07
C ALA C 255 3.41 -3.34 -0.18
N ARG C 256 4.22 -3.39 -1.22
CA ARG C 256 5.17 -2.31 -1.53
C ARG C 256 4.82 -1.78 -2.88
N TYR C 257 4.26 -0.57 -2.91
CA TYR C 257 3.92 0.09 -4.15
C TYR C 257 4.96 1.17 -4.35
N GLU C 258 5.92 0.88 -5.22
CA GLU C 258 7.01 1.78 -5.50
C GLU C 258 6.91 2.31 -6.93
N ARG C 259 7.51 3.46 -7.16
CA ARG C 259 7.53 4.06 -8.48
C ARG C 259 6.12 4.37 -8.96
N VAL C 260 5.30 4.84 -8.04
CA VAL C 260 3.91 5.17 -8.31
C VAL C 260 3.79 6.65 -8.69
N GLN C 261 2.89 6.94 -9.62
CA GLN C 261 2.50 8.30 -9.94
C GLN C 261 0.99 8.41 -10.12
N PHE C 262 0.47 9.62 -9.96
CA PHE C 262 -0.87 9.93 -10.44
C PHE C 262 -0.80 9.91 -11.96
N ALA C 263 -1.89 9.47 -12.58
CA ALA C 263 -1.96 9.37 -14.04
C ALA C 263 -1.61 10.72 -14.65
N SER C 264 -0.98 10.70 -15.82
CA SER C 264 -0.44 11.91 -16.42
C SER C 264 -1.55 12.86 -16.85
N SER C 265 -2.77 12.34 -16.93
CA SER C 265 -3.94 13.12 -17.33
C SER C 265 -4.55 13.96 -16.22
N ILE C 266 -4.07 13.82 -14.98
CA ILE C 266 -4.73 14.48 -13.85
C ILE C 266 -4.61 15.99 -13.95
N SER C 267 -5.72 16.66 -13.69
CA SER C 267 -5.73 18.10 -13.53
C SER C 267 -5.48 18.39 -12.07
N VAL C 268 -4.45 19.15 -11.78
CA VAL C 268 -4.04 19.42 -10.39
C VAL C 268 -4.68 20.66 -9.80
N LYS C 269 -5.31 21.48 -10.63
CA LYS C 269 -5.99 22.67 -10.14
C LYS C 269 -7.45 22.64 -10.52
N LYS C 270 -8.26 23.23 -9.66
CA LYS C 270 -9.66 23.49 -9.94
C LYS C 270 -9.82 24.66 -10.90
N PRO C 271 -10.99 24.83 -11.51
CA PRO C 271 -11.22 26.02 -12.35
C PRO C 271 -10.96 27.38 -11.68
N SER C 272 -11.16 27.46 -10.39
CA SER C 272 -10.86 28.68 -9.61
C SER C 272 -9.35 28.94 -9.45
N GLN C 273 -8.55 28.00 -9.95
CA GLN C 273 -7.07 27.96 -9.82
C GLN C 273 -6.63 27.57 -8.41
N GLN C 274 -7.57 27.26 -7.52
CA GLN C 274 -7.23 26.65 -6.23
C GLN C 274 -6.70 25.26 -6.52
N ASN C 275 -5.78 24.77 -5.70
CA ASN C 275 -5.31 23.40 -5.85
C ASN C 275 -6.40 22.40 -5.57
N LYS C 276 -6.44 21.35 -6.38
CA LYS C 276 -7.25 20.20 -6.05
C LYS C 276 -6.65 19.48 -4.85
N HIS C 277 -7.50 18.82 -4.09
CA HIS C 277 -7.08 18.03 -2.96
C HIS C 277 -7.30 16.57 -3.29
N PHE C 278 -6.23 15.79 -3.16
CA PHE C 278 -6.27 14.36 -3.43
C PHE C 278 -6.06 13.61 -2.15
N SER C 279 -6.33 12.31 -2.18
CA SER C 279 -6.05 11.46 -1.03
C SER C 279 -5.70 10.07 -1.52
N LEU C 280 -4.75 9.44 -0.84
CA LEU C 280 -4.39 8.07 -1.12
C LEU C 280 -5.06 7.16 -0.09
N HIS C 281 -5.65 6.09 -0.61
CA HIS C 281 -6.45 5.16 0.18
C HIS C 281 -5.80 3.78 0.15
N VAL C 282 -5.81 3.12 1.31
CA VAL C 282 -5.39 1.72 1.43
C VAL C 282 -6.60 0.92 1.92
N ILE C 283 -6.93 -0.15 1.20
CA ILE C 283 -8.08 -0.98 1.53
C ILE C 283 -7.61 -2.41 1.76
N LEU C 284 -7.99 -2.96 2.90
CA LEU C 284 -7.77 -4.37 3.23
C LEU C 284 -9.04 -5.11 2.93
N GLY C 285 -8.91 -6.18 2.15
CA GLY C 285 -10.05 -6.99 1.77
C GLY C 285 -9.84 -8.47 1.99
N ALA C 286 -10.95 -9.21 1.99
CA ALA C 286 -10.95 -10.67 1.97
C ALA C 286 -11.42 -11.09 0.61
N VAL C 287 -10.68 -11.97 -0.03
CA VAL C 287 -11.07 -12.49 -1.33
C VAL C 287 -11.87 -13.77 -1.10
N VAL C 288 -13.05 -13.81 -1.73
CA VAL C 288 -13.97 -14.93 -1.59
C VAL C 288 -14.43 -15.41 -2.95
N ASP C 289 -14.92 -16.64 -3.00
CA ASP C 289 -15.54 -17.21 -4.19
C ASP C 289 -16.93 -16.58 -4.40
N PRO C 290 -17.20 -16.03 -5.58
CA PRO C 290 -18.50 -15.38 -5.84
C PRO C 290 -19.70 -16.33 -5.89
N ASP C 291 -19.47 -17.62 -6.12
CA ASP C 291 -20.55 -18.60 -6.28
C ASP C 291 -21.36 -18.80 -4.99
N GLY C 299 -24.82 -7.49 -0.48
CA GLY C 299 -25.23 -6.16 -0.06
C GLY C 299 -24.18 -5.39 0.75
N ILE C 300 -22.92 -5.73 0.58
CA ILE C 300 -21.82 -5.06 1.28
C ILE C 300 -20.74 -4.64 0.28
N PRO C 301 -19.93 -3.64 0.61
CA PRO C 301 -18.91 -3.15 -0.33
C PRO C 301 -17.87 -4.18 -0.75
N TYR C 302 -17.65 -4.26 -2.06
CA TYR C 302 -16.71 -5.19 -2.67
C TYR C 302 -16.35 -4.72 -4.08
N ASP C 303 -15.19 -5.14 -4.55
CA ASP C 303 -14.79 -5.03 -5.95
C ASP C 303 -14.64 -6.41 -6.55
N GLU C 304 -14.95 -6.57 -7.84
CA GLU C 304 -14.66 -7.80 -8.54
C GLU C 304 -13.16 -7.94 -8.75
N LEU C 305 -12.67 -9.17 -8.73
CA LEU C 305 -11.24 -9.45 -8.90
C LEU C 305 -11.03 -10.61 -9.87
N ALA C 306 -10.08 -10.47 -10.78
CA ALA C 306 -9.67 -11.58 -11.65
C ALA C 306 -9.01 -12.66 -10.80
N LEU C 307 -9.72 -13.76 -10.58
CA LEU C 307 -9.26 -14.84 -9.70
C LEU C 307 -8.20 -15.71 -10.37
N LYS C 308 -7.66 -16.66 -9.62
CA LYS C 308 -6.56 -17.51 -10.08
C LYS C 308 -7.08 -18.57 -11.07
N ASN C 309 -8.12 -19.29 -10.67
CA ASN C 309 -8.75 -20.29 -11.53
C ASN C 309 -9.49 -19.72 -12.75
N GLY C 310 -9.65 -18.40 -12.80
CA GLY C 310 -10.25 -17.73 -13.94
C GLY C 310 -11.58 -17.07 -13.65
N SER C 311 -12.33 -17.64 -12.70
CA SER C 311 -13.65 -17.14 -12.33
C SER C 311 -13.61 -15.72 -11.74
N LYS C 312 -14.79 -15.14 -11.53
CA LYS C 312 -14.89 -13.72 -11.12
C LYS C 312 -14.94 -13.56 -9.60
N GLY C 313 -13.76 -13.53 -8.97
CA GLY C 313 -13.62 -13.37 -7.54
C GLY C 313 -14.28 -12.14 -6.95
N MET C 314 -14.26 -12.04 -5.64
CA MET C 314 -14.88 -10.94 -4.93
C MET C 314 -13.90 -10.46 -3.85
N PHE C 315 -13.43 -9.23 -3.96
CA PHE C 315 -12.57 -8.58 -2.95
C PHE C 315 -13.50 -7.82 -2.02
N VAL C 316 -13.85 -8.43 -0.90
CA VAL C 316 -14.81 -7.85 0.03
C VAL C 316 -14.10 -6.91 1.00
N TYR C 317 -14.56 -5.67 1.12
CA TYR C 317 -13.86 -4.69 1.95
C TYR C 317 -13.95 -5.07 3.42
N LEU C 318 -12.82 -4.95 4.12
CA LEU C 318 -12.73 -5.15 5.56
C LEU C 318 -12.42 -3.87 6.32
N GLN C 319 -11.47 -3.06 5.80
CA GLN C 319 -11.06 -1.82 6.45
C GLN C 319 -10.45 -0.92 5.40
N GLU C 320 -10.56 0.40 5.60
CA GLU C 320 -9.96 1.38 4.69
C GLU C 320 -9.36 2.52 5.50
N MET C 321 -8.19 2.96 5.09
CA MET C 321 -7.55 4.15 5.65
C MET C 321 -7.22 5.10 4.49
N LYS C 322 -7.01 6.37 4.82
CA LYS C 322 -6.67 7.36 3.80
C LYS C 322 -5.73 8.41 4.38
N THR C 323 -5.08 9.14 3.49
CA THR C 323 -4.28 10.27 3.91
C THR C 323 -5.15 11.50 4.08
N PRO C 324 -4.65 12.48 4.81
CA PRO C 324 -5.22 13.83 4.73
C PRO C 324 -5.09 14.36 3.31
N PRO C 325 -5.68 15.52 3.04
CA PRO C 325 -5.58 16.12 1.72
C PRO C 325 -4.14 16.32 1.24
N LEU C 326 -3.94 16.04 -0.03
CA LEU C 326 -2.65 16.14 -0.70
C LEU C 326 -2.78 17.15 -1.85
N ILE C 327 -1.77 18.00 -2.01
CA ILE C 327 -1.63 18.86 -3.18
C ILE C 327 -0.65 18.21 -4.13
N ILE C 328 -0.94 18.25 -5.43
CA ILE C 328 0.00 17.76 -6.42
C ILE C 328 0.41 18.89 -7.34
N ARG C 329 1.72 19.10 -7.47
CA ARG C 329 2.23 20.11 -8.37
C ARG C 329 2.46 19.52 -9.74
N GLY C 330 1.96 20.23 -10.74
CA GLY C 330 2.06 19.78 -12.11
C GLY C 330 3.36 20.18 -12.78
N ARG C 331 3.35 20.07 -14.10
CA ARG C 331 4.56 20.20 -14.91
C ARG C 331 4.94 21.65 -15.19
N SER C 332 4.17 22.59 -14.68
CA SER C 332 4.45 24.01 -14.91
C SER C 332 5.88 24.35 -14.51
N PRO C 333 6.57 25.16 -15.31
CA PRO C 333 7.94 25.57 -14.97
C PRO C 333 8.04 26.27 -13.62
N SER C 334 6.97 26.97 -13.23
CA SER C 334 6.93 27.68 -11.95
C SER C 334 6.94 26.75 -10.74
N ASN C 335 6.78 25.44 -10.96
CA ASN C 335 6.89 24.50 -9.86
C ASN C 335 8.31 24.03 -9.59
N TYR C 336 9.28 24.57 -10.33
CA TYR C 336 10.65 24.11 -10.23
C TYR C 336 11.62 25.25 -10.04
N ALA C 337 12.63 24.98 -9.21
CA ALA C 337 13.67 25.96 -8.87
C ALA C 337 14.38 26.49 -10.10
N SER C 338 14.39 25.73 -11.18
CA SER C 338 15.06 26.14 -12.41
C SER C 338 14.47 27.42 -12.96
N SER C 339 13.20 27.69 -12.66
CA SER C 339 12.53 28.91 -13.12
C SER C 339 13.04 30.18 -12.41
N GLN C 340 13.66 30.00 -11.25
CA GLN C 340 14.19 31.12 -10.45
C GLN C 340 15.67 31.40 -10.74
#